data_8GS9
#
_entry.id   8GS9
#
_cell.length_a   1.00
_cell.length_b   1.00
_cell.length_c   1.00
_cell.angle_alpha   90.00
_cell.angle_beta   90.00
_cell.angle_gamma   90.00
#
_symmetry.space_group_name_H-M   'P 1'
#
loop_
_entity.id
_entity.type
_entity.pdbx_description
1 polymer 'Spike glycoprotein'
2 polymer 'Heavy chain of VacBB-551'
3 polymer 'Light chain of VacBB-551'
#
loop_
_entity_poly.entity_id
_entity_poly.type
_entity_poly.pdbx_seq_one_letter_code
_entity_poly.pdbx_strand_id
1 'polypeptide(L)'
;PFDEVFNATRFASVYAWNRKRISNCVADYSVLYNFAPFFAFKCYGVSPTKLNDLCFTNVYADSFVIRGNEVSQIAPGQTG
NIADYNYKLPDDFTGCVIAWNSNKLDSKVGGNYNYLYRLFRKSNLKPFERDISTEIYQAGNKPCNGVAGFNCYFPLRSYG
FRPTYGVGHQPYRVVVLSFEL
;
A
2 'polypeptide(L)'
;VQLVESGGGLIQPGGSLRLSCAASEIIVSRNYMNWVRQAPGKGLEWVSVIYAGGSTFYADSVKDRFTISRDNSKNTLYLQ
MNRLRAEDTAVYYCARSLGDRFDFWGQGTLVTV
;
H
3 'polypeptide(L)'
;DIQLTQSPSSLSASVGDRVTITCRASQGIPSYLAWYQQNPGRAPKLLIYAASTLQNGVPSRFSGSGSGTDFTLTISSLQS
EDFATYYCQHEDTFGQGTKLEI
;
K
#
# COMPACT_ATOMS: atom_id res chain seq x y z
N PRO A 1 28.09 24.45 5.45
CA PRO A 1 27.53 24.08 4.15
C PRO A 1 26.22 23.29 4.29
N PHE A 2 25.36 23.72 5.20
CA PHE A 2 24.08 23.06 5.46
C PHE A 2 22.90 23.81 4.87
N ASP A 3 23.01 25.12 4.68
CA ASP A 3 21.85 25.91 4.28
C ASP A 3 21.30 25.47 2.94
N GLU A 4 22.17 25.12 1.98
CA GLU A 4 21.71 24.72 0.66
C GLU A 4 20.90 23.43 0.71
N VAL A 5 21.04 22.63 1.76
CA VAL A 5 20.31 21.38 1.88
C VAL A 5 18.98 21.57 2.58
N PHE A 6 18.98 22.29 3.71
CA PHE A 6 17.75 22.49 4.46
C PHE A 6 16.83 23.52 3.83
N ASN A 7 17.39 24.59 3.25
CA ASN A 7 16.61 25.69 2.70
C ASN A 7 16.47 25.61 1.19
N ALA A 8 16.76 24.47 0.58
CA ALA A 8 16.62 24.34 -0.86
C ALA A 8 15.19 24.65 -1.28
N THR A 9 15.06 25.41 -2.36
CA THR A 9 13.74 25.78 -2.86
C THR A 9 12.97 24.58 -3.41
N ARG A 10 13.67 23.53 -3.82
CA ARG A 10 13.02 22.33 -4.35
C ARG A 10 13.71 21.10 -3.77
N PHE A 11 12.94 20.06 -3.52
CA PHE A 11 13.45 18.79 -3.02
C PHE A 11 13.20 17.70 -4.05
N ALA A 12 14.07 16.71 -4.06
CA ALA A 12 13.98 15.62 -5.02
C ALA A 12 12.93 14.60 -4.58
N SER A 13 12.55 13.74 -5.53
CA SER A 13 11.64 12.65 -5.21
C SER A 13 12.38 11.55 -4.45
N VAL A 14 11.60 10.69 -3.79
CA VAL A 14 12.20 9.67 -2.95
C VAL A 14 12.89 8.62 -3.81
N TYR A 15 12.29 8.24 -4.94
CA TYR A 15 12.90 7.23 -5.80
C TYR A 15 14.16 7.73 -6.49
N ALA A 16 14.45 9.02 -6.43
CA ALA A 16 15.67 9.62 -6.93
C ALA A 16 16.24 10.59 -5.90
N TRP A 17 16.30 10.14 -4.65
CA TRP A 17 16.73 11.00 -3.56
C TRP A 17 18.07 11.63 -3.87
N ASN A 18 18.28 12.85 -3.36
CA ASN A 18 19.51 13.59 -3.63
C ASN A 18 20.56 13.25 -2.58
N ARG A 19 21.81 13.16 -3.01
CA ARG A 19 22.94 12.96 -2.13
C ARG A 19 23.96 14.08 -2.31
N LYS A 20 24.48 14.60 -1.20
CA LYS A 20 25.50 15.64 -1.23
C LYS A 20 26.65 15.23 -0.31
N ARG A 21 27.86 15.30 -0.83
CA ARG A 21 29.06 15.00 -0.05
C ARG A 21 29.57 16.27 0.60
N ILE A 22 30.07 16.15 1.83
CA ILE A 22 30.61 17.28 2.58
C ILE A 22 31.96 16.86 3.14
N SER A 23 33.00 17.68 2.83
CA SER A 23 34.38 17.43 3.31
C SER A 23 35.24 18.68 3.11
N ASN A 24 36.04 19.09 4.10
CA ASN A 24 37.00 20.23 3.98
C ASN A 24 36.41 21.54 4.53
N CYS A 25 35.30 21.47 5.27
CA CYS A 25 34.62 22.68 5.83
C CYS A 25 34.10 22.40 7.24
N VAL A 26 34.43 23.24 8.22
CA VAL A 26 33.93 23.11 9.61
C VAL A 26 32.41 23.33 9.57
N ALA A 27 31.64 22.58 10.38
CA ALA A 27 30.16 22.66 10.39
C ALA A 27 29.64 22.92 11.80
N ASP A 28 28.83 23.96 12.00
CA ASP A 28 28.19 24.25 13.28
C ASP A 28 26.84 23.55 13.31
N TYR A 29 26.73 22.47 14.08
CA TYR A 29 25.49 21.71 14.10
C TYR A 29 24.36 22.45 14.81
N SER A 30 24.70 23.44 15.66
CA SER A 30 23.65 24.21 16.32
C SER A 30 22.72 24.87 15.31
N VAL A 31 23.23 25.18 14.13
CA VAL A 31 22.40 25.82 13.11
C VAL A 31 21.18 24.97 12.81
N LEU A 32 21.30 23.65 12.92
CA LEU A 32 20.15 22.79 12.67
C LEU A 32 18.98 23.17 13.57
N TYR A 33 19.25 23.41 14.86
CA TYR A 33 18.18 23.77 15.78
C TYR A 33 17.53 25.10 15.43
N ASN A 34 18.16 25.92 14.59
CA ASN A 34 17.56 27.19 14.18
C ASN A 34 16.44 27.01 13.17
N PHE A 35 16.38 25.87 12.48
CA PHE A 35 15.31 25.58 11.54
C PHE A 35 14.18 24.82 12.24
N ALA A 36 13.74 25.38 13.36
CA ALA A 36 12.72 24.72 14.18
C ALA A 36 11.35 24.90 13.57
N PRO A 37 10.39 24.00 13.87
CA PRO A 37 10.51 22.78 14.68
C PRO A 37 10.68 21.53 13.82
N PHE A 38 11.29 20.48 14.35
CA PHE A 38 11.48 19.24 13.61
C PHE A 38 10.49 18.19 14.10
N PHE A 39 9.70 17.65 13.17
CA PHE A 39 8.77 16.59 13.52
C PHE A 39 9.49 15.38 14.09
N ALA A 40 10.65 15.03 13.52
CA ALA A 40 11.46 13.94 14.04
C ALA A 40 12.92 14.34 13.96
N PHE A 41 13.66 14.08 15.04
CA PHE A 41 15.10 14.36 15.09
C PHE A 41 15.73 13.25 15.92
N LYS A 42 16.19 12.19 15.25
CA LYS A 42 16.66 10.99 15.93
C LYS A 42 18.04 10.62 15.43
N CYS A 43 18.96 10.36 16.36
CA CYS A 43 20.34 10.04 16.04
C CYS A 43 20.69 8.66 16.58
N TYR A 44 21.44 7.89 15.78
CA TYR A 44 21.88 6.55 16.13
C TYR A 44 23.39 6.53 16.12
N GLY A 45 23.99 6.13 17.24
CA GLY A 45 25.43 5.97 17.34
C GLY A 45 26.20 7.20 17.74
N VAL A 46 25.54 8.33 17.96
CA VAL A 46 26.22 9.56 18.34
C VAL A 46 25.29 10.39 19.22
N SER A 47 25.87 11.09 20.18
CA SER A 47 25.11 12.01 21.01
C SER A 47 24.98 13.36 20.29
N PRO A 48 23.75 13.88 20.13
CA PRO A 48 23.62 15.15 19.37
C PRO A 48 24.44 16.29 19.95
N THR A 49 24.55 16.38 21.27
CA THR A 49 25.25 17.51 21.88
C THR A 49 26.74 17.44 21.64
N LYS A 50 27.30 16.25 21.48
CA LYS A 50 28.74 16.04 21.40
C LYS A 50 29.25 16.04 19.96
N LEU A 51 28.39 16.30 18.98
CA LEU A 51 28.82 16.25 17.59
C LEU A 51 29.81 17.37 17.26
N ASN A 52 29.68 18.52 17.91
CA ASN A 52 30.58 19.63 17.64
C ASN A 52 32.03 19.30 17.97
N ASP A 53 32.26 18.29 18.81
CA ASP A 53 33.59 17.94 19.28
C ASP A 53 34.15 16.70 18.58
N LEU A 54 33.51 16.23 17.52
CA LEU A 54 33.98 15.08 16.75
C LEU A 54 34.33 15.52 15.35
N CYS A 55 35.51 15.13 14.87
CA CYS A 55 36.01 15.52 13.55
C CYS A 55 35.95 14.29 12.64
N PHE A 56 34.81 14.13 11.97
CA PHE A 56 34.64 13.02 11.05
C PHE A 56 35.37 13.29 9.75
N THR A 57 35.79 12.21 9.08
CA THR A 57 36.50 12.36 7.81
C THR A 57 35.62 13.02 6.76
N ASN A 58 34.37 12.57 6.65
CA ASN A 58 33.45 13.08 5.64
C ASN A 58 32.02 12.89 6.13
N VAL A 59 31.10 13.59 5.47
CA VAL A 59 29.68 13.49 5.79
C VAL A 59 28.89 13.39 4.49
N TYR A 60 27.75 12.73 4.56
CA TYR A 60 26.83 12.61 3.44
C TYR A 60 25.45 13.08 3.90
N ALA A 61 24.81 13.91 3.09
CA ALA A 61 23.47 14.42 3.36
C ALA A 61 22.55 13.95 2.25
N ASP A 62 21.57 13.13 2.60
CA ASP A 62 20.57 12.65 1.67
C ASP A 62 19.24 13.33 1.93
N SER A 63 18.62 13.86 0.88
CA SER A 63 17.41 14.64 1.03
C SER A 63 16.33 14.13 0.09
N PHE A 64 15.09 14.14 0.57
CA PHE A 64 13.94 13.76 -0.25
C PHE A 64 12.66 14.14 0.47
N VAL A 65 11.52 13.73 -0.10
CA VAL A 65 10.19 14.05 0.40
C VAL A 65 9.37 12.77 0.46
N ILE A 66 8.59 12.62 1.53
CA ILE A 66 7.77 11.42 1.71
C ILE A 66 6.45 11.78 2.39
N ARG A 67 5.63 10.77 2.64
CA ARG A 67 4.42 10.96 3.44
C ARG A 67 4.76 10.94 4.91
N GLY A 68 3.85 11.49 5.72
CA GLY A 68 4.06 11.49 7.16
C GLY A 68 4.09 10.08 7.74
N ASN A 69 3.06 9.28 7.42
CA ASN A 69 2.94 7.96 8.01
C ASN A 69 4.12 7.05 7.65
N GLU A 70 4.75 7.27 6.50
CA GLU A 70 5.89 6.47 6.08
C GLU A 70 7.19 6.89 6.74
N VAL A 71 7.19 7.99 7.49
CA VAL A 71 8.44 8.48 8.06
C VAL A 71 9.07 7.43 8.97
N SER A 72 8.25 6.60 9.62
CA SER A 72 8.79 5.58 10.52
C SER A 72 9.65 4.56 9.80
N GLN A 73 9.49 4.43 8.48
CA GLN A 73 10.25 3.43 7.73
C GLN A 73 11.72 3.80 7.56
N ILE A 74 12.09 5.05 7.83
CA ILE A 74 13.49 5.48 7.69
C ILE A 74 14.16 5.18 9.03
N ALA A 75 14.61 3.95 9.17
CA ALA A 75 15.31 3.49 10.36
C ALA A 75 15.81 2.07 10.10
N PRO A 76 16.91 1.68 10.75
CA PRO A 76 17.44 0.33 10.50
C PRO A 76 16.43 -0.75 10.90
N GLY A 77 16.40 -1.82 10.11
CA GLY A 77 15.57 -2.97 10.43
C GLY A 77 14.10 -2.82 10.10
N GLN A 78 13.69 -1.74 9.46
CA GLN A 78 12.30 -1.52 9.09
C GLN A 78 12.02 -2.08 7.71
N THR A 79 10.73 -2.15 7.36
CA THR A 79 10.29 -2.70 6.09
C THR A 79 9.12 -1.89 5.57
N GLY A 80 8.86 -2.03 4.28
CA GLY A 80 7.82 -1.30 3.59
C GLY A 80 8.26 -0.86 2.21
N ASN A 81 7.36 -0.13 1.55
CA ASN A 81 7.65 0.34 0.20
C ASN A 81 8.90 1.20 0.17
N ILE A 82 8.95 2.22 1.02
CA ILE A 82 10.09 3.12 1.05
C ILE A 82 11.35 2.37 1.42
N ALA A 83 11.26 1.53 2.46
CA ALA A 83 12.44 0.83 2.94
C ALA A 83 12.92 -0.23 1.95
N ASP A 84 12.02 -0.73 1.10
CA ASP A 84 12.37 -1.83 0.22
C ASP A 84 12.80 -1.39 -1.17
N TYR A 85 12.05 -0.49 -1.80
CA TYR A 85 12.30 -0.16 -3.20
C TYR A 85 12.80 1.25 -3.45
N ASN A 86 12.88 2.10 -2.43
CA ASN A 86 13.29 3.48 -2.62
C ASN A 86 14.54 3.86 -1.85
N TYR A 87 14.61 3.53 -0.56
CA TYR A 87 15.73 3.98 0.27
C TYR A 87 15.94 2.99 1.41
N LYS A 88 17.12 2.42 1.49
CA LYS A 88 17.46 1.43 2.51
C LYS A 88 18.61 1.95 3.37
N LEU A 89 18.52 1.69 4.68
CA LEU A 89 19.57 2.07 5.60
C LEU A 89 20.29 0.83 6.13
N PRO A 90 21.59 0.90 6.37
CA PRO A 90 22.32 -0.27 6.86
C PRO A 90 21.93 -0.62 8.29
N ASP A 91 22.07 -1.90 8.62
CA ASP A 91 21.72 -2.36 9.97
C ASP A 91 22.61 -1.71 11.01
N ASP A 92 23.84 -1.36 10.65
CA ASP A 92 24.79 -0.70 11.56
C ASP A 92 24.86 0.80 11.30
N PHE A 93 23.72 1.40 10.96
CA PHE A 93 23.71 2.82 10.60
C PHE A 93 24.22 3.66 11.76
N THR A 94 24.99 4.70 11.43
CA THR A 94 25.55 5.63 12.41
C THR A 94 25.35 7.03 11.85
N GLY A 95 24.30 7.71 12.31
CA GLY A 95 23.99 9.02 11.77
C GLY A 95 22.67 9.52 12.32
N CYS A 96 22.24 10.66 11.79
CA CYS A 96 21.04 11.33 12.28
C CYS A 96 20.01 11.45 11.17
N VAL A 97 18.75 11.53 11.59
CA VAL A 97 17.61 11.68 10.68
C VAL A 97 16.76 12.83 11.18
N ILE A 98 16.44 13.75 10.26
CA ILE A 98 15.62 14.92 10.55
C ILE A 98 14.46 14.93 9.55
N ALA A 99 13.26 15.15 10.07
CA ALA A 99 12.07 15.22 9.22
C ALA A 99 11.16 16.31 9.74
N TRP A 100 10.65 17.14 8.84
CA TRP A 100 9.74 18.21 9.25
C TRP A 100 8.62 18.36 8.24
N ASN A 101 7.46 18.78 8.73
CA ASN A 101 6.29 18.97 7.88
C ASN A 101 6.55 20.07 6.87
N SER A 102 6.01 19.88 5.66
CA SER A 102 6.13 20.87 4.59
C SER A 102 4.82 21.01 3.85
N ASN A 103 3.71 21.00 4.58
CA ASN A 103 2.41 21.10 3.93
C ASN A 103 2.23 22.45 3.25
N LYS A 104 2.90 23.49 3.75
CA LYS A 104 2.74 24.82 3.19
C LYS A 104 3.66 25.08 2.01
N LEU A 105 4.61 24.19 1.73
CA LEU A 105 5.56 24.36 0.64
C LEU A 105 5.36 23.38 -0.50
N ASP A 106 4.79 22.21 -0.23
CA ASP A 106 4.68 21.15 -1.22
C ASP A 106 3.25 20.63 -1.33
N SER A 107 2.30 21.55 -1.40
CA SER A 107 0.89 21.18 -1.52
C SER A 107 0.16 22.19 -2.40
N LYS A 108 -0.52 21.70 -3.43
CA LYS A 108 -1.22 22.56 -4.36
C LYS A 108 -2.61 21.99 -4.62
N VAL A 109 -3.55 22.89 -4.94
CA VAL A 109 -4.91 22.45 -5.20
C VAL A 109 -4.95 21.50 -6.39
N GLY A 110 -4.22 21.83 -7.45
CA GLY A 110 -4.18 20.96 -8.61
C GLY A 110 -3.57 19.61 -8.30
N GLY A 111 -2.86 19.50 -7.19
CA GLY A 111 -2.23 18.26 -6.81
C GLY A 111 -0.83 18.15 -7.36
N ASN A 112 0.15 18.07 -6.48
CA ASN A 112 1.55 18.00 -6.92
C ASN A 112 1.85 16.60 -7.42
N TYR A 113 1.74 16.41 -8.73
CA TYR A 113 2.16 15.15 -9.35
C TYR A 113 3.66 15.09 -9.56
N ASN A 114 4.38 16.17 -9.28
CA ASN A 114 5.83 16.16 -9.22
C ASN A 114 6.25 15.73 -7.82
N TYR A 115 6.63 14.46 -7.68
CA TYR A 115 6.96 13.78 -6.42
C TYR A 115 6.48 12.34 -6.50
N LEU A 116 7.23 11.49 -7.19
CA LEU A 116 6.83 10.12 -7.44
C LEU A 116 7.56 9.15 -6.51
N TYR A 117 7.09 7.90 -6.50
CA TYR A 117 7.76 6.85 -5.76
C TYR A 117 7.55 5.52 -6.48
N ARG A 118 8.44 4.56 -6.22
CA ARG A 118 8.40 3.27 -6.89
C ARG A 118 7.44 2.33 -6.16
N LEU A 119 6.61 1.64 -6.92
CA LEU A 119 5.61 0.76 -6.32
C LEU A 119 6.10 -0.68 -6.20
N PHE A 120 6.43 -1.32 -7.31
CA PHE A 120 6.85 -2.71 -7.27
C PHE A 120 8.19 -2.88 -7.97
N ARG A 121 8.97 -3.84 -7.47
CA ARG A 121 10.25 -4.20 -8.04
C ARG A 121 10.52 -5.68 -7.74
N LYS A 122 11.34 -6.30 -8.59
CA LYS A 122 11.53 -7.74 -8.49
C LYS A 122 12.41 -8.15 -7.32
N SER A 123 13.15 -7.21 -6.72
CA SER A 123 14.04 -7.56 -5.62
C SER A 123 14.19 -6.35 -4.71
N ASN A 124 14.60 -6.63 -3.47
CA ASN A 124 14.79 -5.57 -2.49
C ASN A 124 15.98 -4.69 -2.86
N LEU A 125 16.14 -3.62 -2.10
CA LEU A 125 17.19 -2.64 -2.33
C LEU A 125 18.32 -2.81 -1.32
N LYS A 126 19.55 -2.66 -1.78
CA LYS A 126 20.70 -2.71 -0.89
C LYS A 126 20.88 -1.37 -0.18
N PRO A 127 21.58 -1.36 0.95
CA PRO A 127 21.76 -0.10 1.68
C PRO A 127 22.40 0.96 0.80
N PHE A 128 21.80 2.15 0.79
CA PHE A 128 22.27 3.28 0.00
C PHE A 128 22.40 2.95 -1.48
N GLU A 129 21.51 2.10 -2.00
CA GLU A 129 21.46 1.83 -3.42
C GLU A 129 20.40 2.70 -4.07
N ARG A 130 20.57 2.94 -5.37
CA ARG A 130 19.65 3.78 -6.13
C ARG A 130 19.17 3.04 -7.36
N ASP A 131 18.02 3.45 -7.87
CA ASP A 131 17.43 2.86 -9.08
C ASP A 131 16.49 3.87 -9.69
N ILE A 132 16.85 4.38 -10.86
CA ILE A 132 16.06 5.39 -11.57
C ILE A 132 15.53 4.85 -12.89
N SER A 133 15.33 3.53 -12.99
CA SER A 133 14.80 2.94 -14.20
C SER A 133 13.34 3.29 -14.39
N THR A 134 12.89 3.22 -15.64
CA THR A 134 11.48 3.52 -15.96
C THR A 134 10.90 2.55 -16.97
N GLU A 135 11.49 1.36 -17.12
CA GLU A 135 10.95 0.35 -18.02
C GLU A 135 9.75 -0.34 -17.39
N ILE A 136 8.84 -0.81 -18.24
CA ILE A 136 7.60 -1.39 -17.76
C ILE A 136 7.89 -2.59 -16.88
N TYR A 137 7.30 -2.62 -15.69
CA TYR A 137 7.38 -3.80 -14.84
C TYR A 137 6.59 -4.94 -15.46
N GLN A 138 7.01 -6.17 -15.16
CA GLN A 138 6.51 -7.36 -15.83
C GLN A 138 6.01 -8.36 -14.82
N ALA A 139 4.80 -8.88 -15.05
CA ALA A 139 4.26 -10.03 -14.33
C ALA A 139 3.86 -11.07 -15.35
N GLY A 140 4.61 -12.17 -15.41
CA GLY A 140 4.43 -13.15 -16.46
C GLY A 140 5.38 -12.91 -17.62
N ASN A 141 5.79 -14.02 -18.25
CA ASN A 141 6.84 -13.98 -19.27
C ASN A 141 6.33 -13.51 -20.62
N LYS A 142 5.03 -13.32 -20.78
CA LYS A 142 4.53 -12.68 -21.98
C LYS A 142 5.13 -11.28 -22.04
N PRO A 143 6.10 -11.03 -22.92
CA PRO A 143 6.93 -9.84 -22.76
C PRO A 143 6.13 -8.54 -22.89
N CYS A 144 6.54 -7.55 -22.12
CA CYS A 144 6.08 -6.17 -22.28
C CYS A 144 7.24 -5.39 -22.89
N ASN A 145 7.14 -5.08 -24.19
CA ASN A 145 8.20 -4.37 -24.89
C ASN A 145 8.06 -2.87 -24.75
N GLY A 146 7.38 -2.38 -23.73
CA GLY A 146 7.03 -0.99 -23.61
C GLY A 146 5.60 -0.67 -23.94
N VAL A 147 4.67 -1.59 -23.67
CA VAL A 147 3.26 -1.40 -23.93
C VAL A 147 2.51 -1.70 -22.64
N ALA A 148 1.80 -0.70 -22.12
CA ALA A 148 1.06 -0.87 -20.88
C ALA A 148 -0.23 -1.63 -21.13
N GLY A 149 -0.76 -2.23 -20.05
CA GLY A 149 -1.97 -3.02 -20.14
C GLY A 149 -2.10 -4.00 -19.00
N PHE A 150 -2.41 -5.25 -19.32
CA PHE A 150 -2.44 -6.30 -18.30
C PHE A 150 -1.05 -6.83 -18.05
N ASN A 151 -0.61 -6.79 -16.80
CA ASN A 151 0.71 -7.22 -16.36
C ASN A 151 1.84 -6.39 -16.96
N CYS A 152 1.53 -5.20 -17.48
CA CYS A 152 2.54 -4.30 -18.06
C CYS A 152 2.26 -2.91 -17.51
N TYR A 153 2.89 -2.56 -16.40
CA TYR A 153 2.63 -1.31 -15.70
C TYR A 153 3.92 -0.52 -15.55
N PHE A 154 3.83 0.80 -15.68
CA PHE A 154 4.95 1.68 -15.36
C PHE A 154 5.07 1.78 -13.84
N PRO A 155 6.24 1.48 -13.26
CA PRO A 155 6.32 1.19 -11.83
C PRO A 155 6.36 2.41 -10.92
N LEU A 156 6.01 3.59 -11.39
CA LEU A 156 6.03 4.78 -10.55
C LEU A 156 4.60 5.26 -10.28
N ARG A 157 4.39 5.80 -9.09
CA ARG A 157 3.12 6.36 -8.67
C ARG A 157 3.33 7.75 -8.09
N SER A 158 2.33 8.60 -8.23
CA SER A 158 2.41 9.97 -7.78
C SER A 158 1.81 10.13 -6.39
N TYR A 159 2.40 11.02 -5.60
CA TYR A 159 1.88 11.31 -4.27
C TYR A 159 0.62 12.16 -4.33
N GLY A 160 0.57 13.15 -5.23
CA GLY A 160 -0.60 13.98 -5.38
C GLY A 160 -0.93 14.77 -4.14
N PHE A 161 0.08 15.40 -3.54
CA PHE A 161 -0.14 16.14 -2.31
C PHE A 161 -1.11 17.29 -2.54
N ARG A 162 -2.02 17.49 -1.59
CA ARG A 162 -2.98 18.56 -1.64
C ARG A 162 -3.14 19.15 -0.24
N PRO A 163 -3.56 20.40 -0.14
CA PRO A 163 -3.58 21.06 1.18
C PRO A 163 -4.55 20.43 2.17
N THR A 164 -5.62 19.81 1.70
CA THR A 164 -6.70 19.36 2.58
C THR A 164 -6.50 17.97 3.14
N TYR A 165 -5.47 17.24 2.71
CA TYR A 165 -5.26 15.89 3.21
C TYR A 165 -4.93 15.90 4.69
N GLY A 166 -5.15 14.76 5.33
CA GLY A 166 -4.83 14.62 6.74
C GLY A 166 -3.33 14.60 6.97
N VAL A 167 -2.97 14.74 8.24
CA VAL A 167 -1.55 14.80 8.60
C VAL A 167 -0.82 13.55 8.15
N GLY A 168 -1.50 12.40 8.16
CA GLY A 168 -0.86 11.17 7.74
C GLY A 168 -0.42 11.20 6.29
N HIS A 169 -1.20 11.84 5.42
CA HIS A 169 -0.91 11.89 3.99
C HIS A 169 -0.26 13.20 3.56
N GLN A 170 0.06 14.09 4.49
CA GLN A 170 0.64 15.37 4.12
C GLN A 170 2.15 15.21 3.86
N PRO A 171 2.74 16.08 3.05
CA PRO A 171 4.16 15.95 2.73
C PRO A 171 5.05 16.20 3.93
N TYR A 172 6.21 15.55 3.92
CA TYR A 172 7.24 15.76 4.93
C TYR A 172 8.59 15.74 4.23
N ARG A 173 9.44 16.69 4.60
CA ARG A 173 10.78 16.79 4.04
C ARG A 173 11.77 16.12 4.98
N VAL A 174 12.65 15.27 4.42
CA VAL A 174 13.52 14.42 5.19
C VAL A 174 14.97 14.64 4.75
N VAL A 175 15.86 14.80 5.73
CA VAL A 175 17.30 14.92 5.53
C VAL A 175 17.98 13.93 6.45
N VAL A 176 18.88 13.11 5.90
CA VAL A 176 19.60 12.09 6.64
C VAL A 176 21.09 12.40 6.54
N LEU A 177 21.76 12.48 7.69
CA LEU A 177 23.18 12.76 7.76
C LEU A 177 23.92 11.49 8.19
N SER A 178 24.95 11.13 7.43
CA SER A 178 25.80 9.99 7.74
C SER A 178 27.24 10.45 7.85
N PHE A 179 27.94 9.93 8.86
CA PHE A 179 29.31 10.35 9.15
C PHE A 179 30.27 9.20 8.86
N GLU A 180 31.47 9.55 8.39
CA GLU A 180 32.54 8.58 8.14
C GLU A 180 33.60 8.73 9.22
N LEU A 181 33.99 7.61 9.82
CA LEU A 181 34.97 7.65 10.88
C LEU A 181 36.33 7.11 10.41
N VAL B 1 -5.80 -17.45 -17.02
CA VAL B 1 -5.43 -16.94 -15.67
C VAL B 1 -6.20 -17.73 -14.63
N GLN B 2 -5.51 -18.15 -13.57
CA GLN B 2 -6.17 -18.94 -12.53
C GLN B 2 -5.46 -18.75 -11.21
N LEU B 3 -6.24 -18.71 -10.14
CA LEU B 3 -5.73 -18.73 -8.76
C LEU B 3 -6.68 -19.64 -7.98
N VAL B 4 -6.25 -20.86 -7.71
CA VAL B 4 -7.10 -21.90 -7.14
C VAL B 4 -6.54 -22.29 -5.77
N GLU B 5 -7.40 -22.28 -4.76
CA GLU B 5 -7.03 -22.62 -3.40
C GLU B 5 -7.42 -24.05 -3.09
N SER B 6 -6.61 -24.71 -2.25
CA SER B 6 -6.92 -26.06 -1.81
C SER B 6 -6.29 -26.31 -0.46
N GLY B 7 -6.96 -27.12 0.36
CA GLY B 7 -6.52 -27.47 1.69
C GLY B 7 -7.59 -27.33 2.76
N GLY B 8 -8.52 -26.39 2.61
CA GLY B 8 -9.53 -26.21 3.62
C GLY B 8 -10.27 -27.50 3.93
N GLY B 9 -10.98 -27.48 5.06
CA GLY B 9 -11.70 -28.65 5.52
C GLY B 9 -12.09 -28.48 6.97
N LEU B 10 -12.64 -29.55 7.55
CA LEU B 10 -13.01 -29.59 8.95
C LEU B 10 -11.79 -29.94 9.78
N ILE B 11 -11.39 -29.03 10.68
CA ILE B 11 -10.18 -29.19 11.48
C ILE B 11 -10.54 -29.02 12.95
N GLN B 12 -9.82 -29.73 13.81
CA GLN B 12 -10.20 -29.76 15.22
C GLN B 12 -9.77 -28.47 15.93
N PRO B 13 -10.46 -28.10 17.02
CA PRO B 13 -10.35 -26.72 17.52
C PRO B 13 -8.99 -26.40 18.12
N GLY B 14 -8.19 -25.62 17.40
CA GLY B 14 -6.79 -25.43 17.72
C GLY B 14 -5.84 -26.23 16.84
N GLY B 15 -6.37 -26.96 15.85
CA GLY B 15 -5.53 -27.73 14.97
C GLY B 15 -4.72 -26.85 14.03
N SER B 16 -3.79 -27.49 13.33
CA SER B 16 -2.86 -26.82 12.43
C SER B 16 -3.11 -27.29 11.01
N LEU B 17 -3.17 -26.34 10.07
CA LEU B 17 -3.48 -26.65 8.69
C LEU B 17 -2.68 -25.74 7.78
N ARG B 18 -2.57 -26.16 6.51
CA ARG B 18 -1.84 -25.42 5.49
C ARG B 18 -2.73 -25.29 4.27
N LEU B 19 -2.87 -24.06 3.78
CA LEU B 19 -3.69 -23.75 2.61
C LEU B 19 -2.78 -23.34 1.47
N SER B 20 -2.95 -23.99 0.30
CA SER B 20 -2.09 -23.74 -0.84
C SER B 20 -2.89 -23.12 -1.97
N CYS B 21 -2.44 -21.95 -2.43
CA CYS B 21 -3.04 -21.25 -3.56
C CYS B 21 -2.10 -21.40 -4.75
N ALA B 22 -2.55 -22.14 -5.77
CA ALA B 22 -1.76 -22.35 -6.97
C ALA B 22 -2.16 -21.33 -8.03
N ALA B 23 -1.16 -20.85 -8.77
CA ALA B 23 -1.33 -19.75 -9.71
C ALA B 23 -1.07 -20.23 -11.14
N SER B 24 -1.63 -19.48 -12.09
CA SER B 24 -1.40 -19.72 -13.51
C SER B 24 -1.63 -18.42 -14.26
N GLU B 25 -0.69 -18.10 -15.15
CA GLU B 25 -0.59 -16.86 -15.93
C GLU B 25 -0.05 -15.72 -15.08
N ILE B 26 0.14 -15.89 -13.78
CA ILE B 26 0.80 -14.90 -12.95
C ILE B 26 1.94 -15.60 -12.21
N ILE B 27 2.90 -14.80 -11.76
CA ILE B 27 4.09 -15.30 -11.07
C ILE B 27 4.04 -14.80 -9.64
N VAL B 28 3.97 -15.73 -8.69
CA VAL B 28 3.80 -15.36 -7.29
C VAL B 28 4.99 -14.53 -6.81
N SER B 29 6.19 -14.88 -7.26
CA SER B 29 7.40 -14.20 -6.82
C SER B 29 7.55 -12.80 -7.40
N ARG B 30 6.56 -12.30 -8.15
CA ARG B 30 6.65 -11.01 -8.79
C ARG B 30 5.61 -10.01 -8.32
N ASN B 31 4.46 -10.46 -7.82
CA ASN B 31 3.34 -9.59 -7.49
C ASN B 31 3.16 -9.48 -5.99
N TYR B 32 2.16 -8.68 -5.59
CA TYR B 32 1.82 -8.58 -4.18
C TYR B 32 0.68 -9.55 -3.97
N MET B 33 0.90 -10.59 -3.18
CA MET B 33 -0.08 -11.63 -2.95
C MET B 33 -0.73 -11.43 -1.59
N ASN B 34 -2.04 -11.68 -1.53
CA ASN B 34 -2.82 -11.42 -0.33
C ASN B 34 -3.70 -12.61 -0.02
N TRP B 35 -3.83 -12.91 1.27
CA TRP B 35 -4.84 -13.83 1.78
C TRP B 35 -5.92 -13.01 2.47
N VAL B 36 -7.15 -13.17 2.00
CA VAL B 36 -8.32 -12.50 2.58
C VAL B 36 -9.24 -13.60 3.08
N ARG B 37 -10.16 -13.24 3.98
CA ARG B 37 -11.11 -14.20 4.51
C ARG B 37 -12.48 -13.58 4.61
N GLN B 38 -13.51 -14.41 4.49
CA GLN B 38 -14.90 -14.00 4.69
C GLN B 38 -15.59 -15.01 5.59
N ALA B 39 -16.13 -14.51 6.71
CA ALA B 39 -16.94 -15.34 7.59
C ALA B 39 -18.38 -15.33 7.10
N PRO B 40 -19.10 -16.45 7.20
CA PRO B 40 -20.47 -16.50 6.67
C PRO B 40 -21.34 -15.40 7.27
N GLY B 41 -22.10 -14.74 6.40
CA GLY B 41 -23.01 -13.70 6.83
C GLY B 41 -22.38 -12.38 7.18
N LYS B 42 -21.11 -12.15 6.85
CA LYS B 42 -20.43 -10.92 7.18
C LYS B 42 -19.51 -10.51 6.05
N GLY B 43 -18.97 -9.29 6.17
CA GLY B 43 -18.16 -8.73 5.11
C GLY B 43 -16.75 -9.29 5.07
N LEU B 44 -16.02 -8.87 4.05
CA LEU B 44 -14.65 -9.35 3.85
C LEU B 44 -13.72 -8.79 4.91
N GLU B 45 -12.66 -9.54 5.20
CA GLU B 45 -11.65 -9.14 6.16
C GLU B 45 -10.28 -9.51 5.60
N TRP B 46 -9.43 -8.50 5.38
CA TRP B 46 -8.08 -8.74 4.93
C TRP B 46 -7.28 -9.43 6.03
N VAL B 47 -6.51 -10.45 5.65
CA VAL B 47 -5.76 -11.27 6.62
C VAL B 47 -4.26 -10.97 6.53
N SER B 48 -3.64 -11.22 5.38
CA SER B 48 -2.19 -11.08 5.30
C SER B 48 -1.77 -10.75 3.88
N VAL B 49 -0.54 -10.25 3.75
CA VAL B 49 0.03 -9.87 2.46
C VAL B 49 1.52 -10.18 2.45
N ILE B 50 2.03 -10.47 1.25
CA ILE B 50 3.45 -10.68 1.01
C ILE B 50 3.83 -9.98 -0.29
N TYR B 51 4.93 -9.22 -0.25
CA TYR B 51 5.42 -8.51 -1.42
C TYR B 51 6.31 -9.42 -2.25
N ALA B 52 6.70 -8.92 -3.42
CA ALA B 52 7.62 -9.66 -4.28
C ALA B 52 9.03 -9.68 -3.70
N GLY B 53 9.36 -8.70 -2.86
CA GLY B 53 10.67 -8.64 -2.23
C GLY B 53 10.84 -9.51 -1.02
N GLY B 54 9.80 -10.22 -0.59
CA GLY B 54 9.87 -11.13 0.52
C GLY B 54 9.28 -10.61 1.82
N SER B 55 9.00 -9.31 1.91
CA SER B 55 8.41 -8.77 3.13
C SER B 55 7.00 -9.30 3.32
N THR B 56 6.60 -9.41 4.59
CA THR B 56 5.30 -9.98 4.95
C THR B 56 4.63 -9.07 5.97
N PHE B 57 3.30 -9.06 5.94
CA PHE B 57 2.53 -8.27 6.89
C PHE B 57 1.23 -9.00 7.20
N TYR B 58 0.73 -8.82 8.42
CA TYR B 58 -0.48 -9.47 8.88
C TYR B 58 -1.31 -8.48 9.68
N ALA B 59 -2.58 -8.82 9.86
CA ALA B 59 -3.44 -8.04 10.76
C ALA B 59 -3.00 -8.24 12.20
N ASP B 60 -3.07 -7.17 12.98
CA ASP B 60 -2.60 -7.22 14.35
C ASP B 60 -3.37 -8.23 15.19
N SER B 61 -4.62 -8.51 14.84
CA SER B 61 -5.44 -9.41 15.64
C SER B 61 -5.11 -10.88 15.42
N VAL B 62 -4.40 -11.21 14.34
CA VAL B 62 -4.09 -12.59 14.01
C VAL B 62 -2.60 -12.80 13.78
N LYS B 63 -1.77 -11.86 14.21
CA LYS B 63 -0.33 -12.02 14.06
C LYS B 63 0.20 -13.05 15.06
N ASP B 64 1.33 -13.66 14.71
CA ASP B 64 2.01 -14.69 15.47
C ASP B 64 1.25 -16.02 15.49
N ARG B 65 0.09 -16.09 14.84
CA ARG B 65 -0.65 -17.34 14.71
C ARG B 65 -0.71 -17.85 13.27
N PHE B 66 -0.48 -16.98 12.29
CA PHE B 66 -0.48 -17.33 10.88
C PHE B 66 0.90 -17.10 10.29
N THR B 67 1.21 -17.79 9.20
CA THR B 67 2.49 -17.63 8.52
C THR B 67 2.30 -17.77 7.02
N ILE B 68 2.70 -16.75 6.26
CA ILE B 68 2.55 -16.74 4.81
C ILE B 68 3.91 -16.99 4.17
N SER B 69 3.94 -17.89 3.20
CA SER B 69 5.18 -18.22 2.49
C SER B 69 4.81 -18.63 1.07
N ARG B 70 5.79 -19.11 0.32
CA ARG B 70 5.56 -19.49 -1.07
C ARG B 70 6.57 -20.53 -1.50
N ASP B 71 6.31 -21.11 -2.66
CA ASP B 71 7.22 -22.03 -3.35
C ASP B 71 7.29 -21.58 -4.81
N ASN B 72 8.42 -20.99 -5.18
CA ASN B 72 8.51 -20.31 -6.47
C ASN B 72 8.60 -21.27 -7.65
N SER B 73 9.31 -22.38 -7.49
CA SER B 73 9.38 -23.37 -8.57
C SER B 73 8.00 -23.81 -9.00
N LYS B 74 7.10 -24.00 -8.04
CA LYS B 74 5.74 -24.45 -8.28
C LYS B 74 4.76 -23.28 -8.34
N ASN B 75 5.24 -22.05 -8.24
CA ASN B 75 4.40 -20.86 -8.34
C ASN B 75 3.21 -20.95 -7.41
N THR B 76 3.48 -21.39 -6.17
CA THR B 76 2.44 -21.62 -5.20
C THR B 76 2.63 -20.70 -4.01
N LEU B 77 1.52 -20.36 -3.36
CA LEU B 77 1.52 -19.62 -2.11
C LEU B 77 0.96 -20.50 -1.01
N TYR B 78 1.46 -20.33 0.20
CA TYR B 78 1.04 -21.17 1.32
C TYR B 78 0.73 -20.31 2.53
N LEU B 79 -0.34 -20.69 3.24
CA LEU B 79 -0.72 -20.07 4.50
C LEU B 79 -0.78 -21.18 5.55
N GLN B 80 0.18 -21.17 6.48
CA GLN B 80 0.17 -22.07 7.62
C GLN B 80 -0.61 -21.40 8.74
N MET B 81 -1.70 -22.03 9.15
CA MET B 81 -2.54 -21.52 10.23
C MET B 81 -2.48 -22.49 11.40
N ASN B 82 -2.12 -22.00 12.57
CA ASN B 82 -1.96 -22.82 13.76
C ASN B 82 -2.83 -22.27 14.88
N ARG B 83 -3.33 -23.18 15.73
CA ARG B 83 -4.22 -22.82 16.83
C ARG B 83 -5.53 -22.24 16.31
N LEU B 84 -6.13 -22.96 15.35
CA LEU B 84 -7.36 -22.50 14.72
C LEU B 84 -8.52 -22.49 15.70
N ARG B 85 -9.34 -21.46 15.62
CA ARG B 85 -10.55 -21.32 16.40
C ARG B 85 -11.76 -21.28 15.47
N ALA B 86 -12.91 -21.71 15.99
CA ALA B 86 -14.15 -21.51 15.25
C ALA B 86 -14.28 -20.09 14.74
N GLU B 87 -13.63 -19.12 15.41
CA GLU B 87 -13.57 -17.75 14.91
C GLU B 87 -12.76 -17.65 13.63
N ASP B 88 -11.90 -18.63 13.35
CA ASP B 88 -11.16 -18.69 12.09
C ASP B 88 -11.93 -19.42 11.00
N THR B 89 -13.14 -19.88 11.27
CA THR B 89 -13.94 -20.52 10.24
C THR B 89 -14.34 -19.50 9.19
N ALA B 90 -14.07 -19.79 7.93
CA ALA B 90 -14.36 -18.82 6.87
C ALA B 90 -13.98 -19.42 5.52
N VAL B 91 -14.33 -18.69 4.46
CA VAL B 91 -13.84 -18.98 3.13
C VAL B 91 -12.69 -18.02 2.85
N TYR B 92 -11.54 -18.58 2.52
CA TYR B 92 -10.32 -17.80 2.33
C TYR B 92 -10.05 -17.64 0.84
N TYR B 93 -9.71 -16.42 0.44
CA TYR B 93 -9.49 -16.05 -0.96
C TYR B 93 -8.04 -15.65 -1.16
N CYS B 94 -7.49 -16.05 -2.31
CA CYS B 94 -6.14 -15.72 -2.72
C CYS B 94 -6.21 -14.62 -3.77
N ALA B 95 -5.74 -13.43 -3.42
CA ALA B 95 -5.94 -12.25 -4.26
C ALA B 95 -4.59 -11.66 -4.68
N ARG B 96 -4.59 -11.05 -5.85
CA ARG B 96 -3.43 -10.30 -6.33
C ARG B 96 -3.72 -8.82 -6.18
N SER B 97 -2.97 -8.15 -5.30
CA SER B 97 -3.15 -6.71 -5.09
C SER B 97 -2.28 -5.95 -6.08
N LEU B 98 -2.89 -5.05 -6.83
CA LEU B 98 -2.22 -4.29 -7.89
C LEU B 98 -2.32 -2.82 -7.53
N GLY B 99 -1.38 -2.34 -6.73
CA GLY B 99 -1.47 -0.99 -6.21
C GLY B 99 -2.45 -0.92 -5.06
N ASP B 100 -3.64 -0.37 -5.32
CA ASP B 100 -4.72 -0.31 -4.34
C ASP B 100 -5.95 -1.02 -4.88
N ARG B 101 -5.76 -2.17 -5.52
CA ARG B 101 -6.85 -2.93 -6.14
C ARG B 101 -6.58 -4.41 -5.98
N PHE B 102 -7.63 -5.18 -5.71
CA PHE B 102 -7.56 -6.64 -5.78
C PHE B 102 -8.22 -7.03 -7.09
N ASP B 103 -7.46 -6.93 -8.19
CA ASP B 103 -8.00 -7.18 -9.51
C ASP B 103 -8.33 -8.64 -9.76
N PHE B 104 -7.49 -9.56 -9.29
CA PHE B 104 -7.69 -10.98 -9.52
C PHE B 104 -7.92 -11.70 -8.20
N TRP B 105 -9.00 -12.48 -8.15
CA TRP B 105 -9.42 -13.22 -6.97
C TRP B 105 -9.57 -14.69 -7.32
N GLY B 106 -9.30 -15.54 -6.34
CA GLY B 106 -9.59 -16.96 -6.48
C GLY B 106 -11.00 -17.30 -6.01
N GLN B 107 -11.39 -18.54 -6.26
CA GLN B 107 -12.69 -19.00 -5.76
C GLN B 107 -12.67 -19.23 -4.26
N GLY B 108 -11.49 -19.41 -3.67
CA GLY B 108 -11.36 -19.57 -2.24
C GLY B 108 -11.70 -20.97 -1.77
N THR B 109 -11.27 -21.26 -0.54
CA THR B 109 -11.48 -22.56 0.07
C THR B 109 -12.04 -22.39 1.47
N LEU B 110 -12.88 -23.33 1.88
CA LEU B 110 -13.56 -23.25 3.17
C LEU B 110 -12.76 -23.94 4.26
N VAL B 111 -12.59 -23.26 5.39
CA VAL B 111 -11.93 -23.81 6.57
C VAL B 111 -12.94 -23.78 7.70
N THR B 112 -13.25 -24.94 8.26
CA THR B 112 -14.21 -25.10 9.33
C THR B 112 -13.49 -25.55 10.60
N VAL B 113 -13.88 -24.95 11.72
CA VAL B 113 -13.21 -25.20 12.99
C VAL B 113 -14.24 -25.29 14.12
N ASP C 1 -6.72 4.77 12.51
CA ASP C 1 -7.65 3.69 12.07
C ASP C 1 -8.87 4.28 11.36
N ILE C 2 -8.78 4.39 10.05
CA ILE C 2 -9.86 4.95 9.24
C ILE C 2 -10.94 3.90 9.05
N GLN C 3 -12.20 4.30 9.22
CA GLN C 3 -13.35 3.41 9.10
C GLN C 3 -14.18 3.80 7.89
N LEU C 4 -14.79 2.80 7.26
CA LEU C 4 -15.65 3.00 6.09
C LEU C 4 -17.05 2.53 6.44
N THR C 5 -18.05 3.35 6.13
CA THR C 5 -19.45 3.03 6.37
C THR C 5 -20.22 3.18 5.07
N GLN C 6 -21.00 2.16 4.72
CA GLN C 6 -21.79 2.15 3.50
C GLN C 6 -23.24 2.50 3.81
N SER C 7 -23.93 3.05 2.81
CA SER C 7 -25.33 3.39 2.96
C SER C 7 -26.01 3.37 1.59
N PRO C 8 -27.27 2.91 1.52
CA PRO C 8 -28.08 2.33 2.59
C PRO C 8 -27.70 0.88 2.85
N SER C 9 -28.00 0.33 4.04
CA SER C 9 -27.69 -1.07 4.30
C SER C 9 -28.43 -2.00 3.35
N SER C 10 -29.51 -1.55 2.74
CA SER C 10 -30.27 -2.33 1.78
C SER C 10 -31.27 -1.43 1.11
N LEU C 11 -31.46 -1.63 -0.20
CA LEU C 11 -32.46 -0.90 -0.96
C LEU C 11 -33.06 -1.81 -2.00
N SER C 12 -34.28 -1.49 -2.42
CA SER C 12 -34.99 -2.27 -3.43
C SER C 12 -35.44 -1.34 -4.55
N ALA C 13 -35.31 -1.83 -5.79
CA ALA C 13 -35.69 -1.04 -6.95
C ALA C 13 -36.20 -1.97 -8.04
N SER C 14 -36.99 -1.41 -8.94
CA SER C 14 -37.46 -2.12 -10.10
C SER C 14 -36.47 -1.98 -11.26
N VAL C 15 -36.81 -2.57 -12.39
CA VAL C 15 -35.88 -2.64 -13.51
C VAL C 15 -35.92 -1.33 -14.29
N GLY C 16 -34.76 -0.75 -14.53
CA GLY C 16 -34.63 0.47 -15.31
C GLY C 16 -34.45 1.72 -14.48
N ASP C 17 -34.51 1.63 -13.15
CA ASP C 17 -34.37 2.81 -12.31
C ASP C 17 -32.90 3.14 -12.08
N ARG C 18 -32.67 4.35 -11.57
CA ARG C 18 -31.33 4.86 -11.30
C ARG C 18 -31.00 4.63 -9.83
N VAL C 19 -29.83 4.07 -9.55
CA VAL C 19 -29.44 3.66 -8.20
C VAL C 19 -28.19 4.41 -7.79
N THR C 20 -28.16 4.86 -6.54
CA THR C 20 -27.03 5.58 -5.97
C THR C 20 -26.68 4.96 -4.63
N ILE C 21 -25.37 4.81 -4.37
CA ILE C 21 -24.87 4.20 -3.14
C ILE C 21 -23.75 5.09 -2.60
N THR C 22 -23.68 5.24 -1.28
CA THR C 22 -22.71 6.12 -0.65
C THR C 22 -21.77 5.34 0.25
N CYS C 23 -20.50 5.69 0.21
CA CYS C 23 -19.47 5.17 1.11
C CYS C 23 -18.78 6.36 1.75
N ARG C 24 -18.75 6.39 3.07
CA ARG C 24 -18.26 7.54 3.83
C ARG C 24 -17.15 7.11 4.77
N ALA C 25 -16.10 7.91 4.82
CA ALA C 25 -14.94 7.64 5.65
C ALA C 25 -15.02 8.42 6.95
N SER C 26 -14.42 7.86 8.00
CA SER C 26 -14.43 8.52 9.31
C SER C 26 -13.73 9.88 9.24
N GLN C 27 -12.70 9.99 8.39
CA GLN C 27 -11.98 11.25 8.24
C GLN C 27 -11.50 11.37 6.80
N GLY C 28 -11.17 12.59 6.40
CA GLY C 28 -10.81 12.86 5.03
C GLY C 28 -9.66 12.02 4.52
N ILE C 29 -9.83 11.45 3.33
CA ILE C 29 -8.79 10.62 2.71
C ILE C 29 -8.69 10.98 1.24
N PRO C 30 -7.55 10.66 0.62
CA PRO C 30 -7.46 10.80 -0.84
C PRO C 30 -8.46 9.86 -1.52
N SER C 31 -8.63 10.05 -2.82
CA SER C 31 -9.58 9.24 -3.56
C SER C 31 -8.98 7.90 -3.97
N TYR C 32 -8.40 7.19 -3.00
CA TYR C 32 -7.88 5.83 -3.23
C TYR C 32 -8.90 4.80 -2.76
N LEU C 33 -10.05 4.81 -3.42
CA LEU C 33 -11.19 4.01 -3.03
C LEU C 33 -11.64 3.14 -4.20
N ALA C 34 -11.98 1.89 -3.91
CA ALA C 34 -12.39 0.94 -4.93
C ALA C 34 -13.73 0.32 -4.56
N TRP C 35 -14.48 -0.08 -5.58
CA TRP C 35 -15.79 -0.70 -5.42
C TRP C 35 -15.78 -2.09 -6.05
N TYR C 36 -16.22 -3.08 -5.29
CA TYR C 36 -16.26 -4.48 -5.70
C TYR C 36 -17.68 -4.99 -5.67
N GLN C 37 -17.99 -5.94 -6.56
CA GLN C 37 -19.27 -6.63 -6.59
C GLN C 37 -19.07 -8.08 -6.17
N GLN C 38 -20.11 -8.64 -5.56
CA GLN C 38 -20.07 -10.04 -5.13
C GLN C 38 -21.46 -10.64 -5.22
N ASN C 39 -21.58 -11.72 -5.98
CA ASN C 39 -22.78 -12.54 -5.99
C ASN C 39 -22.68 -13.64 -4.95
N PRO C 40 -23.80 -14.12 -4.42
CA PRO C 40 -23.73 -15.23 -3.46
C PRO C 40 -23.07 -16.45 -4.08
N GLY C 41 -22.19 -17.08 -3.31
CA GLY C 41 -21.51 -18.28 -3.76
C GLY C 41 -20.50 -18.06 -4.86
N ARG C 42 -19.97 -16.84 -5.00
CA ARG C 42 -18.97 -16.54 -6.02
C ARG C 42 -17.94 -15.58 -5.46
N ALA C 43 -16.76 -15.59 -6.07
CA ALA C 43 -15.69 -14.70 -5.64
C ALA C 43 -16.04 -13.25 -5.98
N PRO C 44 -15.65 -12.30 -5.13
CA PRO C 44 -15.95 -10.89 -5.43
C PRO C 44 -15.30 -10.45 -6.73
N LYS C 45 -15.97 -9.53 -7.42
CA LYS C 45 -15.55 -9.01 -8.72
C LYS C 45 -15.27 -7.52 -8.59
N LEU C 46 -14.07 -7.10 -9.00
CA LEU C 46 -13.74 -5.68 -9.01
C LEU C 46 -14.62 -4.95 -10.01
N LEU C 47 -15.09 -3.77 -9.63
CA LEU C 47 -15.92 -2.93 -10.50
C LEU C 47 -15.25 -1.59 -10.81
N ILE C 48 -14.82 -0.86 -9.80
CA ILE C 48 -14.25 0.47 -9.99
C ILE C 48 -13.04 0.64 -9.09
N TYR C 49 -12.09 1.45 -9.54
CA TYR C 49 -10.94 1.82 -8.73
C TYR C 49 -10.60 3.28 -8.98
N ALA C 50 -10.05 3.94 -7.96
CA ALA C 50 -9.75 5.37 -7.95
C ALA C 50 -11.04 6.20 -7.85
N ALA C 51 -12.19 5.55 -7.63
CA ALA C 51 -13.47 6.21 -7.45
C ALA C 51 -14.04 6.75 -8.75
N SER C 52 -13.26 6.72 -9.83
CA SER C 52 -13.77 7.16 -11.12
C SER C 52 -13.35 6.29 -12.29
N THR C 53 -12.35 5.41 -12.15
CA THR C 53 -11.84 4.62 -13.26
C THR C 53 -12.58 3.29 -13.34
N LEU C 54 -13.04 2.95 -14.54
CA LEU C 54 -13.77 1.72 -14.77
C LEU C 54 -12.80 0.62 -15.20
N GLN C 55 -12.91 -0.55 -14.57
CA GLN C 55 -12.03 -1.66 -14.88
C GLN C 55 -12.40 -2.27 -16.23
N ASN C 56 -11.40 -2.84 -16.90
CA ASN C 56 -11.61 -3.44 -18.22
C ASN C 56 -12.68 -4.53 -18.13
N GLY C 57 -13.57 -4.54 -19.11
CA GLY C 57 -14.66 -5.48 -19.15
C GLY C 57 -15.89 -5.06 -18.37
N VAL C 58 -15.78 -4.04 -17.53
CA VAL C 58 -16.93 -3.55 -16.77
C VAL C 58 -17.85 -2.81 -17.73
N PRO C 59 -19.17 -3.03 -17.68
CA PRO C 59 -20.07 -2.24 -18.52
C PRO C 59 -19.94 -0.75 -18.22
N SER C 60 -20.16 0.06 -19.25
CA SER C 60 -19.93 1.49 -19.16
C SER C 60 -20.96 2.22 -18.31
N ARG C 61 -22.04 1.54 -17.90
CA ARG C 61 -23.10 2.25 -17.18
C ARG C 61 -22.70 2.57 -15.74
N PHE C 62 -21.91 1.73 -15.10
CA PHE C 62 -21.43 2.02 -13.75
C PHE C 62 -20.57 3.27 -13.76
N SER C 63 -20.77 4.14 -12.78
CA SER C 63 -19.95 5.34 -12.63
C SER C 63 -19.69 5.59 -11.16
N GLY C 64 -18.70 6.43 -10.88
CA GLY C 64 -18.37 6.76 -9.51
C GLY C 64 -17.83 8.17 -9.42
N SER C 65 -18.06 8.79 -8.27
CA SER C 65 -17.63 10.16 -8.05
C SER C 65 -17.48 10.40 -6.56
N GLY C 66 -17.24 11.65 -6.19
CA GLY C 66 -17.06 12.05 -4.81
C GLY C 66 -15.60 12.31 -4.49
N SER C 67 -15.39 12.75 -3.25
CA SER C 67 -14.07 13.13 -2.78
C SER C 67 -14.15 13.38 -1.28
N GLY C 68 -13.06 13.87 -0.71
CA GLY C 68 -13.04 14.21 0.71
C GLY C 68 -13.40 13.05 1.59
N THR C 69 -14.59 13.10 2.18
CA THR C 69 -15.07 12.07 3.09
C THR C 69 -16.25 11.29 2.54
N ASP C 70 -16.77 11.64 1.36
CA ASP C 70 -17.95 10.98 0.80
C ASP C 70 -17.69 10.59 -0.64
N PHE C 71 -18.00 9.34 -0.98
CA PHE C 71 -17.88 8.85 -2.35
C PHE C 71 -19.18 8.14 -2.71
N THR C 72 -19.49 8.13 -4.01
CA THR C 72 -20.76 7.61 -4.50
C THR C 72 -20.55 6.74 -5.72
N LEU C 73 -21.32 5.66 -5.78
CA LEU C 73 -21.37 4.76 -6.92
C LEU C 73 -22.77 4.84 -7.52
N THR C 74 -22.84 5.02 -8.83
CA THR C 74 -24.10 5.24 -9.53
C THR C 74 -24.28 4.19 -10.63
N ILE C 75 -25.50 3.67 -10.72
CA ILE C 75 -25.93 2.83 -11.83
C ILE C 75 -27.10 3.53 -12.50
N SER C 76 -26.88 3.95 -13.75
CA SER C 76 -27.93 4.71 -14.45
C SER C 76 -29.16 3.85 -14.69
N SER C 77 -28.98 2.64 -15.23
CA SER C 77 -30.09 1.75 -15.53
C SER C 77 -29.82 0.37 -14.95
N LEU C 78 -30.83 -0.23 -14.35
CA LEU C 78 -30.69 -1.55 -13.75
C LEU C 78 -31.03 -2.63 -14.77
N GLN C 79 -30.73 -3.88 -14.38
CA GLN C 79 -31.05 -5.04 -15.20
C GLN C 79 -31.20 -6.25 -14.29
N SER C 80 -31.78 -7.31 -14.84
CA SER C 80 -32.02 -8.52 -14.05
C SER C 80 -30.73 -9.10 -13.47
N GLU C 81 -29.59 -8.78 -14.06
CA GLU C 81 -28.30 -9.29 -13.60
C GLU C 81 -27.52 -8.30 -12.74
N ASP C 82 -28.16 -7.22 -12.30
CA ASP C 82 -27.48 -6.16 -11.55
C ASP C 82 -27.69 -6.25 -10.05
N PHE C 83 -28.28 -7.34 -9.55
CA PHE C 83 -28.66 -7.45 -8.15
C PHE C 83 -27.63 -8.32 -7.43
N ALA C 84 -26.83 -7.71 -6.57
CA ALA C 84 -25.79 -8.42 -5.84
C ALA C 84 -25.36 -7.56 -4.65
N THR C 85 -24.26 -7.94 -4.01
CA THR C 85 -23.70 -7.19 -2.89
C THR C 85 -22.55 -6.34 -3.39
N TYR C 86 -22.35 -5.17 -2.76
CA TYR C 86 -21.33 -4.22 -3.17
C TYR C 86 -20.52 -3.79 -1.96
N TYR C 87 -19.22 -3.63 -2.15
CA TYR C 87 -18.30 -3.24 -1.09
C TYR C 87 -17.42 -2.09 -1.56
N CYS C 88 -17.08 -1.22 -0.62
CA CYS C 88 -16.11 -0.14 -0.87
C CYS C 88 -14.90 -0.37 0.02
N GLN C 89 -13.72 -0.35 -0.59
CA GLN C 89 -12.48 -0.70 0.09
C GLN C 89 -11.44 0.38 -0.13
N HIS C 90 -10.68 0.68 0.92
CA HIS C 90 -9.57 1.62 0.88
C HIS C 90 -8.39 0.99 1.61
N GLU C 91 -7.26 0.84 0.91
CA GLU C 91 -6.10 0.18 1.45
C GLU C 91 -6.46 -1.21 1.96
N ASP C 92 -6.36 -1.43 3.28
CA ASP C 92 -6.62 -2.74 3.87
C ASP C 92 -7.95 -2.77 4.63
N THR C 93 -8.82 -1.80 4.39
CA THR C 93 -10.09 -1.68 5.09
C THR C 93 -11.24 -1.90 4.12
N PHE C 94 -12.12 -2.84 4.45
CA PHE C 94 -13.31 -3.11 3.67
C PHE C 94 -14.53 -2.51 4.37
N GLY C 95 -15.53 -2.16 3.57
CA GLY C 95 -16.77 -1.65 4.11
C GLY C 95 -17.64 -2.74 4.69
N GLN C 96 -18.77 -2.33 5.25
CA GLN C 96 -19.72 -3.29 5.81
C GLN C 96 -20.50 -4.03 4.74
N GLY C 97 -20.67 -3.45 3.57
CA GLY C 97 -21.38 -4.10 2.48
C GLY C 97 -22.78 -3.54 2.30
N THR C 98 -23.29 -3.66 1.08
CA THR C 98 -24.62 -3.17 0.71
C THR C 98 -25.32 -4.21 -0.15
N LYS C 99 -26.65 -4.19 -0.10
CA LYS C 99 -27.49 -5.17 -0.77
C LYS C 99 -28.47 -4.48 -1.70
N LEU C 100 -28.83 -5.15 -2.78
CA LEU C 100 -29.79 -4.66 -3.75
C LEU C 100 -30.81 -5.75 -4.05
N GLU C 101 -32.03 -5.33 -4.40
CA GLU C 101 -33.11 -6.27 -4.69
C GLU C 101 -33.80 -5.91 -6.00
N ILE C 102 -34.56 -6.88 -6.49
CA ILE C 102 -35.42 -6.74 -7.67
C ILE C 102 -36.77 -6.19 -7.24
#